data_3EWM
#
_entry.id   3EWM
#
_cell.length_a   43.757
_cell.length_b   79.373
_cell.length_c   82.990
_cell.angle_alpha   90.00
_cell.angle_beta   94.18
_cell.angle_gamma   90.00
#
_symmetry.space_group_name_H-M   'P 1 21 1'
#
loop_
_entity.id
_entity.type
_entity.pdbx_description
1 polymer 'Uncharacterized sugar kinase PH1459'
2 water water
#
_entity_poly.entity_id   1
_entity_poly.type   'polypeptide(L)'
_entity_poly.pdbx_seq_one_letter_code
;(MSE)SLIASIGELLIDLISVEEGDLKDVRLFEKHPGGAPANVAVGVSRLGVKSSLISKVGNDPFGEYLIEELSKENVDT
RGIVKDEKKHTGIVFVQLKGASPSFLLYDDVAYFN(MSE)TLNDINWDIVEEAKIVNFGSVILARNPSRETV(MSE)KVI
KKIKGSSLIAFDVNLRLDLWRGQEEE(MSE)IKVLEESIKLADIVKASEEEVLYLENQGVEVKGS(MSE)LTAITLGPKG
CRLIKNETVVDVPSYNVNPLDTTGAGDAF(MSE)AALLVGILKLKGLDLLKLGKFANLVAALSTQKRGAWSTPRKDELLK
YKEAREVLAEGHHHHHH
;
_entity_poly.pdbx_strand_id   A,B
#
# COMPACT_ATOMS: atom_id res chain seq x y z
N SER A 2 0.86 36.32 -0.40
CA SER A 2 1.19 35.60 -1.65
C SER A 2 1.32 34.10 -1.36
N LEU A 3 0.40 33.35 -1.94
CA LEU A 3 0.28 31.93 -1.67
C LEU A 3 0.38 31.17 -2.97
N ILE A 4 1.12 30.07 -2.92
CA ILE A 4 1.05 29.06 -3.96
C ILE A 4 0.37 27.81 -3.41
N ALA A 5 -0.73 27.42 -4.04
CA ALA A 5 -1.48 26.23 -3.59
C ALA A 5 -1.20 25.10 -4.55
N SER A 6 -0.89 23.94 -4.01
CA SER A 6 -0.78 22.75 -4.83
C SER A 6 -1.95 21.83 -4.53
N ILE A 7 -2.42 21.16 -5.57
CA ILE A 7 -3.54 20.25 -5.38
C ILE A 7 -3.26 18.96 -6.11
N GLY A 8 -3.44 17.86 -5.40
CA GLY A 8 -3.31 16.55 -6.00
C GLY A 8 -2.82 15.53 -4.99
N GLU A 9 -2.07 14.56 -5.49
CA GLU A 9 -1.71 13.38 -4.73
C GLU A 9 -0.75 13.71 -3.58
N LEU A 10 -1.07 13.13 -2.43
CA LEU A 10 -0.21 13.17 -1.27
C LEU A 10 -0.21 11.76 -0.76
N LEU A 11 0.98 11.18 -0.68
CA LEU A 11 1.08 9.74 -0.44
C LEU A 11 2.35 9.37 0.29
N ILE A 12 2.38 8.11 0.76
CA ILE A 12 3.60 7.49 1.26
C ILE A 12 4.39 6.89 0.11
N ASP A 13 5.63 7.34 -0.05
CA ASP A 13 6.55 6.64 -0.94
C ASP A 13 7.22 5.59 -0.10
N LEU A 14 7.10 4.35 -0.51
CA LEU A 14 7.85 3.28 0.12
C LEU A 14 9.00 2.99 -0.82
N ILE A 15 10.18 3.48 -0.45
CA ILE A 15 11.28 3.49 -1.39
C ILE A 15 12.22 2.34 -1.14
N SER A 16 12.35 1.50 -2.16
CA SER A 16 13.31 0.41 -2.15
C SER A 16 14.66 0.92 -1.66
N VAL A 17 15.21 0.20 -0.70
CA VAL A 17 16.49 0.56 -0.12
C VAL A 17 17.62 -0.14 -0.87
N GLU A 18 17.28 -1.16 -1.64
CA GLU A 18 18.24 -1.87 -2.47
C GLU A 18 17.82 -1.90 -3.93
N GLU A 19 18.75 -2.31 -4.78
CA GLU A 19 18.45 -2.51 -6.18
C GLU A 19 17.60 -3.75 -6.41
N GLY A 20 16.93 -3.77 -7.56
CA GLY A 20 16.16 -4.93 -7.97
C GLY A 20 14.72 -4.62 -8.31
N ASP A 21 14.08 -5.60 -8.95
CA ASP A 21 12.67 -5.54 -9.22
C ASP A 21 11.95 -5.41 -7.88
N LEU A 22 10.88 -4.62 -7.86
CA LEU A 22 9.99 -4.53 -6.70
C LEU A 22 9.57 -5.88 -6.16
N LYS A 23 9.40 -6.84 -7.06
CA LYS A 23 9.10 -8.20 -6.66
C LYS A 23 10.07 -8.67 -5.59
N ASP A 24 11.34 -8.32 -5.78
CA ASP A 24 12.43 -8.90 -4.99
C ASP A 24 12.97 -7.99 -3.90
N VAL A 25 12.67 -6.70 -3.99
CA VAL A 25 13.11 -5.74 -2.97
C VAL A 25 12.56 -6.12 -1.60
N ARG A 26 13.47 -6.16 -0.60
CA ARG A 26 13.15 -6.65 0.73
C ARG A 26 12.77 -5.52 1.65
N LEU A 27 13.36 -4.35 1.42
CA LEU A 27 13.28 -3.25 2.38
C LEU A 27 12.82 -1.97 1.73
N PHE A 28 11.90 -1.30 2.39
CA PHE A 28 11.36 -0.04 1.92
C PHE A 28 11.41 1.00 3.01
N GLU A 29 12.06 2.13 2.68
CA GLU A 29 12.02 3.32 3.49
C GLU A 29 10.75 4.14 3.24
N LYS A 30 10.11 4.56 4.31
CA LYS A 30 8.87 5.33 4.25
C LYS A 30 9.21 6.82 4.20
N HIS A 31 8.68 7.50 3.19
CA HIS A 31 8.90 8.94 3.06
C HIS A 31 7.63 9.58 2.56
N PRO A 32 7.48 10.89 2.78
CA PRO A 32 6.35 11.60 2.18
C PRO A 32 6.59 11.82 0.70
N GLY A 33 5.54 11.65 -0.09
CA GLY A 33 5.66 11.82 -1.52
C GLY A 33 4.42 12.38 -2.17
N GLY A 34 4.50 12.43 -3.49
CA GLY A 34 3.45 12.96 -4.34
C GLY A 34 3.99 14.27 -4.86
N ALA A 35 4.10 14.39 -6.17
CA ALA A 35 4.66 15.58 -6.80
C ALA A 35 4.12 16.93 -6.23
N PRO A 36 2.79 17.09 -6.12
CA PRO A 36 2.30 18.39 -5.64
C PRO A 36 2.71 18.68 -4.20
N ALA A 37 2.79 17.63 -3.37
CA ALA A 37 3.31 17.77 -2.01
C ALA A 37 4.78 18.17 -2.08
N ASN A 38 5.53 17.54 -2.97
CA ASN A 38 6.96 17.84 -3.06
C ASN A 38 7.18 19.27 -3.51
N VAL A 39 6.37 19.71 -4.47
CA VAL A 39 6.44 21.08 -4.95
C VAL A 39 6.03 22.04 -3.82
N ALA A 40 4.98 21.67 -3.09
CA ALA A 40 4.50 22.50 -1.98
C ALA A 40 5.59 22.70 -0.95
N VAL A 41 6.31 21.63 -0.63
CA VAL A 41 7.45 21.73 0.30
C VAL A 41 8.56 22.61 -0.30
N GLY A 42 8.86 22.43 -1.57
CA GLY A 42 9.85 23.27 -2.25
C GLY A 42 9.50 24.74 -2.18
N VAL A 43 8.25 25.08 -2.50
CA VAL A 43 7.74 26.46 -2.40
C VAL A 43 7.97 27.05 -1.01
N SER A 44 7.56 26.30 0.01
CA SER A 44 7.79 26.68 1.39
C SER A 44 9.26 26.87 1.69
N ARG A 45 10.11 25.95 1.22
CA ARG A 45 11.55 26.07 1.46
C ARG A 45 12.18 27.31 0.84
N LEU A 46 11.62 27.73 -0.28
CA LEU A 46 12.02 28.96 -0.96
C LEU A 46 11.45 30.24 -0.31
N GLY A 47 10.72 30.08 0.79
CA GLY A 47 10.24 31.20 1.62
C GLY A 47 8.87 31.73 1.28
N VAL A 48 8.12 30.97 0.48
CA VAL A 48 6.81 31.41 -0.01
C VAL A 48 5.70 30.59 0.68
N LYS A 49 4.63 31.26 1.08
CA LYS A 49 3.45 30.59 1.65
C LYS A 49 2.93 29.51 0.70
N SER A 50 2.85 28.29 1.23
CA SER A 50 2.53 27.12 0.42
C SER A 50 1.42 26.33 1.09
N SER A 51 0.41 25.96 0.32
CA SER A 51 -0.71 25.20 0.82
C SER A 51 -0.92 24.00 -0.06
N LEU A 52 -1.25 22.87 0.54
CA LEU A 52 -1.53 21.68 -0.21
C LEU A 52 -2.95 21.23 0.03
N ILE A 53 -3.66 21.02 -1.07
CA ILE A 53 -4.99 20.47 -1.02
C ILE A 53 -4.88 19.03 -1.47
N SER A 54 -5.26 18.13 -0.58
CA SER A 54 -5.18 16.73 -0.84
C SER A 54 -6.08 15.98 0.12
N LYS A 55 -5.94 14.66 0.13
CA LYS A 55 -6.79 13.85 0.96
C LYS A 55 -5.98 12.65 1.36
N VAL A 56 -5.97 12.37 2.66
CA VAL A 56 -5.26 11.19 3.19
C VAL A 56 -6.27 10.35 3.95
N GLY A 57 -5.85 9.16 4.36
CA GLY A 57 -6.70 8.31 5.17
C GLY A 57 -6.64 8.82 6.60
N ASN A 58 -7.71 8.56 7.32
CA ASN A 58 -7.69 8.73 8.77
C ASN A 58 -6.90 7.55 9.36
N ASP A 59 -5.59 7.63 9.20
CA ASP A 59 -4.71 6.55 9.58
C ASP A 59 -3.33 7.10 9.92
N PRO A 60 -2.43 6.25 10.47
CA PRO A 60 -1.11 6.72 10.88
C PRO A 60 -0.33 7.34 9.74
N PHE A 61 -0.55 6.86 8.52
CA PHE A 61 0.21 7.34 7.37
C PHE A 61 -0.28 8.72 6.99
N GLY A 62 -1.59 8.93 7.09
CA GLY A 62 -2.18 10.26 6.90
C GLY A 62 -1.64 11.24 7.91
N GLU A 63 -1.62 10.84 9.19
CA GLU A 63 -1.04 11.69 10.23
C GLU A 63 0.42 12.02 9.98
N TYR A 64 1.21 11.01 9.59
CA TYR A 64 2.60 11.21 9.24
C TYR A 64 2.78 12.27 8.17
N LEU A 65 2.05 12.12 7.07
CA LEU A 65 2.19 13.07 5.96
C LEU A 65 1.87 14.49 6.38
N ILE A 66 0.77 14.66 7.12
CA ILE A 66 0.39 16.00 7.56
C ILE A 66 1.49 16.57 8.46
N GLU A 67 2.01 15.74 9.36
CA GLU A 67 3.07 16.19 10.29
C GLU A 67 4.32 16.60 9.55
N GLU A 68 4.73 15.81 8.57
CA GLU A 68 5.93 16.12 7.78
C GLU A 68 5.79 17.41 6.98
N LEU A 69 4.61 17.58 6.38
CA LEU A 69 4.26 18.84 5.72
C LEU A 69 4.31 20.02 6.68
N SER A 70 3.64 19.88 7.82
CA SER A 70 3.71 20.89 8.88
C SER A 70 5.15 21.23 9.27
N LYS A 71 6.02 20.23 9.39
CA LYS A 71 7.42 20.51 9.75
C LYS A 71 8.10 21.38 8.69
N GLU A 72 7.59 21.30 7.47
CA GLU A 72 8.10 22.10 6.35
C GLU A 72 7.33 23.41 6.15
N ASN A 73 6.41 23.70 7.07
CA ASN A 73 5.60 24.94 7.07
C ASN A 73 4.64 25.02 5.91
N VAL A 74 4.26 23.86 5.41
CA VAL A 74 3.26 23.78 4.37
C VAL A 74 1.92 23.75 5.11
N ASP A 75 1.05 24.66 4.72
CA ASP A 75 -0.30 24.73 5.26
C ASP A 75 -0.99 23.42 4.94
N THR A 76 -1.51 22.75 5.98
CA THR A 76 -2.11 21.42 5.79
C THR A 76 -3.62 21.43 6.04
N ARG A 77 -4.18 22.62 6.24
CA ARG A 77 -5.61 22.78 6.53
C ARG A 77 -6.47 22.20 5.42
N GLY A 78 -6.01 22.32 4.17
CA GLY A 78 -6.74 21.78 3.02
C GLY A 78 -6.49 20.30 2.76
N ILE A 79 -5.85 19.60 3.68
CA ILE A 79 -5.73 18.16 3.59
C ILE A 79 -6.86 17.51 4.36
N VAL A 80 -7.71 16.78 3.65
CA VAL A 80 -8.89 16.15 4.25
C VAL A 80 -8.54 14.72 4.65
N LYS A 81 -9.16 14.24 5.72
CA LYS A 81 -9.00 12.86 6.12
C LYS A 81 -10.20 12.08 5.64
N ASP A 82 -9.91 11.03 4.88
CA ASP A 82 -10.90 10.13 4.35
C ASP A 82 -11.14 9.00 5.36
N GLU A 83 -12.39 8.88 5.78
CA GLU A 83 -12.78 7.82 6.70
C GLU A 83 -13.02 6.49 5.98
N LYS A 84 -13.08 6.51 4.66
CA LYS A 84 -13.36 5.31 3.89
C LYS A 84 -12.20 4.79 3.03
N LYS A 85 -11.15 5.60 2.85
CA LYS A 85 -10.04 5.16 2.01
C LYS A 85 -8.78 5.36 2.81
N HIS A 86 -7.79 4.52 2.57
CA HIS A 86 -6.51 4.63 3.26
C HIS A 86 -5.62 5.60 2.53
N THR A 87 -4.64 6.10 3.26
CA THR A 87 -3.66 7.01 2.73
C THR A 87 -2.98 6.40 1.50
N GLY A 88 -2.80 7.23 0.49
CA GLY A 88 -2.02 6.82 -0.68
C GLY A 88 -0.70 6.20 -0.31
N ILE A 89 -0.36 5.15 -1.06
CA ILE A 89 0.92 4.53 -0.94
C ILE A 89 1.41 4.19 -2.34
N VAL A 90 2.71 4.30 -2.50
CA VAL A 90 3.36 3.81 -3.69
C VAL A 90 4.66 3.15 -3.29
N PHE A 91 4.91 1.99 -3.89
CA PHE A 91 6.18 1.28 -3.72
C PHE A 91 7.04 1.64 -4.92
N VAL A 92 8.24 2.10 -4.64
CA VAL A 92 9.04 2.72 -5.68
C VAL A 92 10.42 2.06 -5.74
N GLN A 93 10.83 1.73 -6.95
CA GLN A 93 12.21 1.39 -7.19
C GLN A 93 12.80 2.52 -8.03
N LEU A 94 13.64 3.34 -7.39
CA LEU A 94 14.25 4.47 -8.09
C LEU A 94 15.54 4.07 -8.82
N LYS A 95 16.16 2.96 -8.39
CA LYS A 95 17.49 2.59 -8.90
C LYS A 95 17.42 1.71 -10.17
N GLY A 96 18.55 1.59 -10.85
CA GLY A 96 18.61 0.77 -12.05
C GLY A 96 18.18 1.51 -13.30
N ALA A 97 18.34 0.85 -14.44
CA ALA A 97 18.06 1.45 -15.74
C ALA A 97 16.59 1.68 -15.98
N SER A 98 15.75 0.84 -15.36
CA SER A 98 14.30 0.87 -15.56
C SER A 98 13.58 1.06 -14.22
N PRO A 99 13.54 2.31 -13.69
CA PRO A 99 12.87 2.55 -12.42
C PRO A 99 11.39 2.20 -12.49
N SER A 100 10.87 1.66 -11.39
CA SER A 100 9.51 1.15 -11.41
C SER A 100 8.76 1.57 -10.16
N PHE A 101 7.45 1.45 -10.22
CA PHE A 101 6.64 1.74 -9.06
C PHE A 101 5.39 0.88 -9.07
N LEU A 102 4.81 0.72 -7.90
CA LEU A 102 3.52 0.05 -7.77
C LEU A 102 2.71 0.98 -6.93
N LEU A 103 1.81 1.67 -7.61
CA LEU A 103 0.97 2.69 -6.99
C LEU A 103 -0.39 2.07 -6.73
N TYR A 104 -0.84 2.21 -5.49
CA TYR A 104 -2.14 1.72 -5.06
C TYR A 104 -3.17 2.81 -5.34
N ASP A 105 -4.17 2.48 -6.15
CA ASP A 105 -5.03 3.51 -6.69
C ASP A 105 -6.30 3.70 -5.88
N ASP A 106 -6.74 2.70 -5.12
CA ASP A 106 -7.98 2.98 -4.42
C ASP A 106 -7.63 3.50 -3.06
N VAL A 107 -7.21 4.76 -3.06
CA VAL A 107 -6.66 5.41 -1.90
C VAL A 107 -7.27 6.79 -1.80
N ALA A 108 -7.00 7.45 -0.68
CA ALA A 108 -7.74 8.62 -0.27
C ALA A 108 -7.58 9.79 -1.23
N TYR A 109 -6.37 9.99 -1.78
CA TYR A 109 -6.14 11.19 -2.59
C TYR A 109 -6.88 11.15 -3.93
N PHE A 110 -7.30 9.95 -4.32
CA PHE A 110 -8.11 9.74 -5.52
C PHE A 110 -9.61 9.86 -5.25
N ASN A 111 -9.96 10.07 -3.98
CA ASN A 111 -11.35 10.16 -3.53
C ASN A 111 -11.82 11.58 -3.14
N THR A 113 -13.84 14.96 -3.36
CA THR A 113 -15.05 15.50 -3.94
C THR A 113 -15.01 17.01 -3.72
N LEU A 114 -15.94 17.72 -4.32
CA LEU A 114 -15.99 19.16 -4.19
C LEU A 114 -16.08 19.65 -2.74
N ASN A 115 -16.77 18.87 -1.90
CA ASN A 115 -16.86 19.17 -0.47
C ASN A 115 -15.50 19.16 0.24
N ASP A 116 -14.53 18.43 -0.32
CA ASP A 116 -13.20 18.28 0.29
C ASP A 116 -12.29 19.48 0.00
N ILE A 117 -12.75 20.36 -0.87
CA ILE A 117 -11.93 21.47 -1.32
C ILE A 117 -12.11 22.65 -0.40
N ASN A 118 -10.99 23.12 0.12
CA ASN A 118 -10.97 24.36 0.84
C ASN A 118 -10.92 25.48 -0.19
N TRP A 119 -12.08 26.06 -0.44
CA TRP A 119 -12.22 27.07 -1.48
C TRP A 119 -11.57 28.37 -1.08
N ASP A 120 -11.44 28.60 0.22
CA ASP A 120 -10.75 29.77 0.70
C ASP A 120 -9.29 29.72 0.30
N ILE A 121 -8.66 28.58 0.52
CA ILE A 121 -7.28 28.37 0.10
C ILE A 121 -7.12 28.56 -1.41
N VAL A 122 -7.97 27.91 -2.20
CA VAL A 122 -7.85 28.04 -3.66
C VAL A 122 -8.09 29.50 -4.12
N GLU A 123 -9.01 30.21 -3.47
CA GLU A 123 -9.25 31.60 -3.85
C GLU A 123 -8.15 32.55 -3.42
N GLU A 124 -7.43 32.19 -2.37
CA GLU A 124 -6.31 32.99 -1.89
C GLU A 124 -5.10 32.85 -2.80
N ALA A 125 -4.94 31.67 -3.40
CA ALA A 125 -3.72 31.36 -4.15
C ALA A 125 -3.52 32.28 -5.34
N LYS A 126 -2.30 32.76 -5.51
CA LYS A 126 -1.92 33.47 -6.74
C LYS A 126 -1.54 32.49 -7.84
N ILE A 127 -0.95 31.36 -7.42
CA ILE A 127 -0.66 30.26 -8.34
C ILE A 127 -1.24 28.98 -7.74
N VAL A 128 -1.92 28.21 -8.58
CA VAL A 128 -2.40 26.88 -8.21
C VAL A 128 -1.70 25.82 -9.06
N ASN A 129 -1.10 24.86 -8.40
CA ASN A 129 -0.28 23.88 -9.06
C ASN A 129 -0.97 22.51 -9.00
N PHE A 130 -1.06 21.85 -10.16
CA PHE A 130 -1.54 20.47 -10.21
C PHE A 130 -0.76 19.65 -11.23
N GLY A 131 -0.91 18.34 -11.15
CA GLY A 131 -0.16 17.42 -11.99
C GLY A 131 -1.14 16.38 -12.48
N SER A 132 -0.69 15.54 -13.40
CA SER A 132 -1.61 14.60 -14.05
C SER A 132 -1.98 13.38 -13.21
N VAL A 133 -1.14 13.02 -12.24
CA VAL A 133 -1.33 11.79 -11.49
C VAL A 133 -2.69 11.80 -10.79
N ILE A 134 -3.03 12.94 -10.22
CA ILE A 134 -4.30 13.06 -9.52
C ILE A 134 -5.48 12.76 -10.46
N LEU A 135 -5.30 13.02 -11.74
CA LEU A 135 -6.35 12.93 -12.72
C LEU A 135 -6.63 11.50 -13.15
N ALA A 136 -5.82 10.56 -12.67
CA ALA A 136 -5.90 9.19 -13.14
C ALA A 136 -7.17 8.50 -12.71
N ARG A 137 -7.81 8.98 -11.62
CA ARG A 137 -8.99 8.34 -11.10
C ARG A 137 -10.02 9.36 -10.68
N ASN A 138 -11.29 8.98 -10.82
CA ASN A 138 -12.37 9.72 -10.23
C ASN A 138 -12.57 9.21 -8.81
N PRO A 139 -13.24 10.00 -7.94
CA PRO A 139 -13.78 11.34 -8.17
C PRO A 139 -12.75 12.46 -8.25
N SER A 140 -11.50 12.18 -7.90
CA SER A 140 -10.50 13.25 -7.80
C SER A 140 -10.28 13.97 -9.13
N ARG A 141 -10.21 13.21 -10.21
CA ARG A 141 -10.07 13.80 -11.54
C ARG A 141 -11.12 14.88 -11.79
N GLU A 142 -12.39 14.54 -11.67
CA GLU A 142 -13.44 15.50 -11.95
C GLU A 142 -13.39 16.69 -10.98
N THR A 143 -13.12 16.39 -9.71
CA THR A 143 -13.06 17.38 -8.66
C THR A 143 -11.95 18.38 -8.96
N VAL A 144 -10.74 17.87 -9.24
CA VAL A 144 -9.61 18.73 -9.53
C VAL A 144 -9.89 19.55 -10.77
N LYS A 146 -12.68 20.60 -11.92
CA LYS A 146 -13.58 21.67 -11.47
C LYS A 146 -12.87 22.77 -10.69
N VAL A 147 -11.97 22.41 -9.79
CA VAL A 147 -11.21 23.41 -9.04
C VAL A 147 -10.46 24.35 -9.99
N ILE A 148 -9.72 23.74 -10.90
CA ILE A 148 -8.94 24.46 -11.90
C ILE A 148 -9.82 25.35 -12.78
N LYS A 149 -10.91 24.80 -13.32
CA LYS A 149 -11.85 25.60 -14.08
C LYS A 149 -12.42 26.77 -13.28
N LYS A 150 -12.72 26.53 -12.01
CA LYS A 150 -13.28 27.58 -11.14
C LYS A 150 -12.31 28.76 -10.98
N ILE A 151 -11.03 28.46 -10.81
CA ILE A 151 -10.02 29.50 -10.56
C ILE A 151 -9.34 30.07 -11.80
N LYS A 152 -9.54 29.45 -12.95
CA LYS A 152 -9.05 29.97 -14.22
C LYS A 152 -9.45 31.46 -14.33
N GLY A 153 -8.47 32.31 -14.59
CA GLY A 153 -8.69 33.76 -14.63
C GLY A 153 -8.36 34.51 -13.33
N SER A 154 -8.49 33.83 -12.19
CA SER A 154 -8.24 34.44 -10.86
C SER A 154 -6.88 34.13 -10.23
N SER A 155 -6.33 32.96 -10.56
CA SER A 155 -4.99 32.56 -10.13
C SER A 155 -4.32 31.98 -11.36
N LEU A 156 -3.00 32.10 -11.44
CA LEU A 156 -2.23 31.36 -12.42
C LEU A 156 -2.29 29.86 -12.14
N ILE A 157 -2.41 29.09 -13.21
CA ILE A 157 -2.52 27.66 -13.13
C ILE A 157 -1.25 27.04 -13.67
N ALA A 158 -0.67 26.13 -12.91
CA ALA A 158 0.53 25.42 -13.34
C ALA A 158 0.28 23.93 -13.34
N PHE A 159 0.74 23.26 -14.40
CA PHE A 159 0.46 21.85 -14.60
C PHE A 159 1.75 21.13 -14.97
N ASP A 160 2.13 20.19 -14.13
CA ASP A 160 3.22 19.26 -14.41
C ASP A 160 2.56 18.08 -15.09
N VAL A 161 2.90 17.85 -16.35
CA VAL A 161 2.31 16.78 -17.13
C VAL A 161 2.57 15.44 -16.41
N ASN A 162 3.78 15.30 -15.87
CA ASN A 162 4.14 14.15 -15.03
C ASN A 162 3.41 12.88 -15.49
N LEU A 163 3.69 12.46 -16.73
CA LEU A 163 2.86 11.42 -17.31
C LEU A 163 3.28 10.04 -16.83
N ARG A 164 2.30 9.31 -16.31
CA ARG A 164 2.49 7.97 -15.80
C ARG A 164 1.52 7.04 -16.53
N LEU A 165 1.97 6.55 -17.67
CA LEU A 165 1.14 5.71 -18.56
C LEU A 165 0.46 4.54 -17.86
N ASP A 166 1.16 3.95 -16.88
CA ASP A 166 0.62 2.82 -16.15
C ASP A 166 -0.64 3.17 -15.38
N LEU A 167 -0.83 4.45 -15.08
CA LEU A 167 -2.01 4.88 -14.35
C LEU A 167 -3.22 5.04 -15.24
N TRP A 168 -3.01 4.92 -16.55
CA TRP A 168 -4.09 5.16 -17.50
C TRP A 168 -4.41 3.98 -18.40
N ARG A 169 -3.97 2.78 -18.04
CA ARG A 169 -4.25 1.67 -18.94
C ARG A 169 -5.76 1.38 -19.01
N GLY A 170 -6.24 1.13 -20.22
CA GLY A 170 -7.67 0.98 -20.48
C GLY A 170 -8.42 2.29 -20.62
N GLN A 171 -7.75 3.41 -20.35
CA GLN A 171 -8.40 4.71 -20.46
C GLN A 171 -7.52 5.76 -21.14
N GLU A 172 -6.74 5.27 -22.10
CA GLU A 172 -5.79 6.10 -22.82
C GLU A 172 -6.48 7.24 -23.55
N GLU A 173 -7.71 7.02 -24.00
CA GLU A 173 -8.47 8.08 -24.67
C GLU A 173 -8.95 9.13 -23.67
N GLU A 174 -9.38 8.69 -22.50
CA GLU A 174 -9.74 9.62 -21.45
C GLU A 174 -8.52 10.46 -21.01
N ILE A 176 -5.74 11.32 -22.77
CA ILE A 176 -5.42 12.32 -23.77
C ILE A 176 -6.37 13.51 -23.67
N LYS A 177 -7.64 13.22 -23.42
CA LYS A 177 -8.66 14.27 -23.27
C LYS A 177 -8.41 15.12 -22.02
N VAL A 178 -8.17 14.47 -20.89
CA VAL A 178 -7.97 15.21 -19.64
C VAL A 178 -6.64 15.96 -19.63
N LEU A 179 -5.60 15.36 -20.20
CA LEU A 179 -4.31 16.02 -20.31
C LEU A 179 -4.42 17.25 -21.18
N GLU A 180 -5.10 17.13 -22.32
CA GLU A 180 -5.28 18.27 -23.18
C GLU A 180 -6.09 19.35 -22.48
N GLU A 181 -7.16 18.97 -21.79
CA GLU A 181 -7.99 19.97 -21.12
C GLU A 181 -7.20 20.69 -20.04
N SER A 182 -6.37 19.94 -19.30
CA SER A 182 -5.52 20.49 -18.25
C SER A 182 -4.48 21.43 -18.80
N ILE A 183 -3.83 21.02 -19.89
CA ILE A 183 -2.81 21.84 -20.52
C ILE A 183 -3.44 23.16 -20.99
N LYS A 184 -4.62 23.05 -21.62
CA LYS A 184 -5.34 24.22 -22.11
C LYS A 184 -5.78 25.18 -21.00
N LEU A 185 -5.96 24.64 -19.80
CA LEU A 185 -6.30 25.46 -18.64
C LEU A 185 -5.09 26.06 -17.99
N ALA A 186 -3.90 25.52 -18.29
CA ALA A 186 -2.70 25.94 -17.58
C ALA A 186 -2.03 27.16 -18.22
N ASP A 187 -1.63 28.08 -17.37
CA ASP A 187 -0.77 29.19 -17.75
C ASP A 187 0.66 28.69 -17.91
N ILE A 188 1.05 27.78 -17.01
CA ILE A 188 2.42 27.31 -16.91
C ILE A 188 2.34 25.81 -17.07
N VAL A 189 3.08 25.29 -18.03
CA VAL A 189 3.13 23.85 -18.24
C VAL A 189 4.58 23.40 -18.16
N LYS A 190 4.78 22.34 -17.37
CA LYS A 190 6.04 21.67 -17.29
C LYS A 190 5.90 20.27 -17.87
N ALA A 191 6.81 19.91 -18.78
CA ALA A 191 6.80 18.61 -19.40
C ALA A 191 8.21 18.22 -19.77
N SER A 192 8.49 16.92 -19.76
CA SER A 192 9.75 16.42 -20.31
C SER A 192 9.64 16.44 -21.82
N GLU A 193 10.78 16.45 -22.47
CA GLU A 193 10.79 16.37 -23.92
C GLU A 193 10.08 15.08 -24.40
N GLU A 194 10.17 13.99 -23.62
CA GLU A 194 9.53 12.71 -23.99
C GLU A 194 8.01 12.83 -23.95
N GLU A 195 7.51 13.53 -22.93
CA GLU A 195 6.08 13.83 -22.82
C GLU A 195 5.58 14.72 -23.96
N VAL A 196 6.37 15.73 -24.30
CA VAL A 196 6.02 16.65 -25.39
C VAL A 196 5.84 15.83 -26.66
N LEU A 197 6.82 14.99 -26.96
CA LEU A 197 6.77 14.18 -28.18
C LEU A 197 5.53 13.28 -28.16
N TYR A 198 5.31 12.62 -27.03
CA TYR A 198 4.24 11.65 -26.91
C TYR A 198 2.88 12.30 -27.12
N LEU A 199 2.67 13.41 -26.42
CA LEU A 199 1.39 14.09 -26.45
C LEU A 199 1.15 14.86 -27.73
N GLU A 200 2.16 15.60 -28.19
CA GLU A 200 2.01 16.44 -29.38
C GLU A 200 1.78 15.60 -30.62
N ASN A 201 2.33 14.39 -30.62
CA ASN A 201 2.07 13.42 -31.67
C ASN A 201 0.68 12.80 -31.64
N GLN A 202 -0.08 13.14 -30.61
CA GLN A 202 -1.49 12.78 -30.56
C GLN A 202 -2.36 14.03 -30.61
N GLY A 203 -1.78 15.09 -31.16
CA GLY A 203 -2.49 16.33 -31.44
C GLY A 203 -2.75 17.18 -30.21
N VAL A 204 -2.06 16.86 -29.10
CA VAL A 204 -2.15 17.67 -27.90
C VAL A 204 -0.92 18.56 -27.83
N GLU A 205 -1.12 19.84 -28.11
CA GLU A 205 -0.07 20.84 -27.93
C GLU A 205 0.36 20.91 -26.46
N VAL A 206 1.67 20.81 -26.21
CA VAL A 206 2.17 20.86 -24.85
C VAL A 206 2.79 22.22 -24.63
N LYS A 207 1.93 23.17 -24.30
CA LYS A 207 2.29 24.55 -24.18
C LYS A 207 1.36 25.14 -23.15
N GLY A 208 1.93 25.86 -22.18
CA GLY A 208 1.11 26.69 -21.29
C GLY A 208 0.75 27.97 -22.04
N SER A 209 -0.26 28.70 -21.58
CA SER A 209 -0.67 29.94 -22.24
C SER A 209 0.36 31.05 -22.00
N LEU A 211 3.64 30.26 -20.23
CA LEU A 211 4.99 29.72 -20.15
C LEU A 211 5.03 28.21 -20.20
N THR A 212 6.02 27.70 -20.93
CA THR A 212 6.22 26.26 -20.98
C THR A 212 7.64 25.97 -20.56
N ALA A 213 7.79 25.02 -19.65
CA ALA A 213 9.10 24.57 -19.21
C ALA A 213 9.24 23.15 -19.70
N ILE A 214 10.21 22.93 -20.58
CA ILE A 214 10.44 21.60 -21.10
C ILE A 214 11.74 21.10 -20.49
N THR A 215 11.64 20.01 -19.75
CA THR A 215 12.80 19.43 -19.11
C THR A 215 13.53 18.48 -20.08
N LEU A 216 14.86 18.53 -20.03
CA LEU A 216 15.65 17.68 -20.89
C LEU A 216 16.52 16.73 -20.04
N GLY A 217 15.98 16.34 -18.88
CA GLY A 217 16.65 15.46 -17.94
C GLY A 217 17.87 16.10 -17.29
N PRO A 218 19.00 15.36 -17.23
CA PRO A 218 20.31 15.88 -16.80
C PRO A 218 20.86 17.02 -17.65
N LYS A 219 20.48 17.08 -18.93
CA LYS A 219 21.00 18.09 -19.86
C LYS A 219 20.55 19.52 -19.52
N GLY A 220 19.45 19.63 -18.80
CA GLY A 220 18.94 20.93 -18.40
C GLY A 220 17.50 21.06 -18.84
N CYS A 221 17.12 22.26 -19.26
CA CYS A 221 15.74 22.50 -19.64
C CYS A 221 15.63 23.71 -20.54
N ARG A 222 14.40 23.99 -20.95
CA ARG A 222 14.13 25.02 -21.91
C ARG A 222 12.86 25.75 -21.47
N LEU A 223 12.87 27.07 -21.56
CA LEU A 223 11.70 27.86 -21.23
C LEU A 223 11.18 28.50 -22.49
N ILE A 224 9.90 28.28 -22.76
CA ILE A 224 9.27 28.79 -23.96
C ILE A 224 8.17 29.77 -23.60
N LYS A 225 8.25 30.96 -24.16
CA LYS A 225 7.15 31.90 -24.12
C LYS A 225 6.88 32.38 -25.54
N ASN A 226 5.66 32.12 -26.00
CA ASN A 226 5.27 32.35 -27.39
C ASN A 226 6.25 31.66 -28.34
N GLU A 227 7.06 32.45 -29.04
CA GLU A 227 8.05 31.91 -29.98
C GLU A 227 9.43 31.89 -29.34
N THR A 228 9.59 32.61 -28.23
CA THR A 228 10.87 32.71 -27.53
C THR A 228 11.22 31.40 -26.83
N VAL A 229 12.39 30.87 -27.15
CA VAL A 229 12.94 29.69 -26.48
C VAL A 229 14.22 30.10 -25.76
N VAL A 230 14.25 29.90 -24.44
CA VAL A 230 15.48 30.08 -23.65
C VAL A 230 15.97 28.71 -23.20
N ASP A 231 17.11 28.30 -23.75
CA ASP A 231 17.70 27.04 -23.32
C ASP A 231 18.60 27.26 -22.12
N VAL A 232 18.40 26.42 -21.10
CA VAL A 232 19.18 26.49 -19.88
C VAL A 232 19.91 25.17 -19.68
N PRO A 233 21.19 25.08 -20.13
CA PRO A 233 21.91 23.84 -19.89
C PRO A 233 22.17 23.68 -18.41
N SER A 234 22.24 22.44 -17.97
CA SER A 234 22.47 22.16 -16.56
C SER A 234 23.88 22.55 -16.15
N TYR A 235 24.02 22.87 -14.88
CA TYR A 235 25.32 23.00 -14.27
C TYR A 235 25.94 21.62 -14.16
N ASN A 236 27.27 21.60 -14.28
CA ASN A 236 28.02 20.36 -14.23
C ASN A 236 28.16 19.90 -12.79
N VAL A 237 27.00 19.53 -12.22
CA VAL A 237 26.92 19.11 -10.83
C VAL A 237 27.48 17.71 -10.67
N ASN A 238 27.85 17.41 -9.43
CA ASN A 238 28.12 16.04 -9.01
C ASN A 238 26.99 15.62 -8.09
N PRO A 239 25.93 15.02 -8.65
CA PRO A 239 24.70 14.82 -7.90
C PRO A 239 24.83 13.73 -6.84
N LEU A 240 24.31 14.02 -5.67
CA LEU A 240 24.07 13.02 -4.64
C LEU A 240 22.80 12.24 -4.99
N ASP A 241 21.73 12.98 -5.30
CA ASP A 241 20.41 12.41 -5.54
C ASP A 241 19.58 13.39 -6.39
N THR A 242 19.15 12.94 -7.57
CA THR A 242 18.34 13.81 -8.45
C THR A 242 16.84 13.52 -8.35
N THR A 243 16.44 12.64 -7.44
CA THR A 243 15.03 12.24 -7.31
C THR A 243 14.09 13.43 -7.19
N GLY A 244 14.47 14.40 -6.36
CA GLY A 244 13.62 15.55 -6.11
C GLY A 244 13.82 16.74 -7.03
N ALA A 245 14.72 16.61 -8.01
CA ALA A 245 15.14 17.73 -8.87
C ALA A 245 14.01 18.36 -9.69
N GLY A 246 13.11 17.51 -10.18
CA GLY A 246 12.02 17.94 -11.04
C GLY A 246 11.02 18.77 -10.25
N ASP A 247 10.69 18.28 -9.06
CA ASP A 247 9.76 19.01 -8.20
C ASP A 247 10.40 20.26 -7.59
N ALA A 248 11.70 20.19 -7.28
CA ALA A 248 12.49 21.35 -6.90
C ALA A 248 12.45 22.41 -8.01
N PHE A 249 12.72 21.96 -9.24
CA PHE A 249 12.63 22.80 -10.40
C PHE A 249 11.24 23.46 -10.53
N ALA A 251 9.00 23.98 -8.15
CA ALA A 251 8.89 24.93 -7.06
C ALA A 251 9.58 26.26 -7.40
N ALA A 252 10.83 26.15 -7.87
CA ALA A 252 11.60 27.32 -8.29
C ALA A 252 10.91 28.12 -9.38
N LEU A 253 10.30 27.41 -10.34
CA LEU A 253 9.68 28.10 -11.45
C LEU A 253 8.50 28.93 -10.96
N LEU A 254 7.70 28.30 -10.11
CA LEU A 254 6.51 28.91 -9.56
C LEU A 254 6.84 30.06 -8.63
N VAL A 255 7.80 29.84 -7.73
CA VAL A 255 8.27 30.94 -6.87
C VAL A 255 8.86 32.09 -7.71
N GLY A 256 9.68 31.76 -8.71
CA GLY A 256 10.23 32.74 -9.65
C GLY A 256 9.17 33.59 -10.34
N ILE A 257 8.18 32.92 -10.91
CA ILE A 257 7.07 33.59 -11.56
C ILE A 257 6.33 34.49 -10.56
N LEU A 258 6.11 33.99 -9.35
CA LEU A 258 5.46 34.79 -8.31
C LEU A 258 6.28 36.03 -7.94
N LYS A 259 7.59 35.87 -7.79
CA LYS A 259 8.44 36.93 -7.26
C LYS A 259 8.92 37.96 -8.29
N LEU A 260 9.14 37.54 -9.53
CA LEU A 260 9.69 38.45 -10.54
C LEU A 260 8.61 39.42 -11.03
N LYS A 261 9.06 40.61 -11.46
CA LYS A 261 8.16 41.64 -12.02
C LYS A 261 7.40 41.06 -13.19
N GLY A 262 8.14 40.66 -14.20
CA GLY A 262 7.55 40.10 -15.39
C GLY A 262 8.03 38.68 -15.52
N LEU A 263 7.57 38.01 -16.55
CA LEU A 263 8.06 36.69 -16.90
C LEU A 263 9.43 36.85 -17.55
N ASP A 264 10.43 37.18 -16.76
CA ASP A 264 11.78 37.32 -17.29
C ASP A 264 12.42 35.93 -17.40
N LEU A 265 12.50 35.40 -18.62
CA LEU A 265 12.91 34.00 -18.83
C LEU A 265 14.33 33.67 -18.39
N LEU A 266 15.24 34.61 -18.65
CA LEU A 266 16.63 34.49 -18.18
C LEU A 266 16.77 34.44 -16.66
N LYS A 267 16.11 35.36 -15.96
CA LYS A 267 16.19 35.41 -14.50
C LYS A 267 15.54 34.15 -13.92
N LEU A 268 14.42 33.78 -14.51
CA LEU A 268 13.67 32.61 -14.09
C LEU A 268 14.49 31.34 -14.37
N GLY A 269 15.03 31.24 -15.58
CA GLY A 269 15.89 30.11 -15.96
C GLY A 269 17.10 29.91 -15.06
N LYS A 270 17.84 30.99 -14.82
CA LYS A 270 19.01 30.93 -13.93
C LYS A 270 18.62 30.55 -12.50
N PHE A 271 17.48 31.04 -12.03
CA PHE A 271 17.01 30.70 -10.67
C PHE A 271 16.60 29.23 -10.59
N ALA A 272 15.74 28.80 -11.52
CA ALA A 272 15.28 27.43 -11.53
C ALA A 272 16.44 26.45 -11.74
N ASN A 273 17.39 26.84 -12.59
CA ASN A 273 18.57 26.00 -12.80
C ASN A 273 19.36 25.82 -11.51
N LEU A 274 19.58 26.92 -10.78
CA LEU A 274 20.34 26.89 -9.53
C LEU A 274 19.66 26.05 -8.48
N VAL A 275 18.36 26.24 -8.32
CA VAL A 275 17.57 25.44 -7.38
C VAL A 275 17.66 23.95 -7.70
N ALA A 276 17.42 23.59 -8.96
CA ALA A 276 17.55 22.20 -9.40
C ALA A 276 18.95 21.66 -9.14
N ALA A 277 19.96 22.44 -9.53
CA ALA A 277 21.36 22.02 -9.36
C ALA A 277 21.62 21.73 -7.88
N LEU A 278 21.25 22.68 -7.03
CA LEU A 278 21.45 22.54 -5.59
C LEU A 278 20.62 21.42 -5.00
N SER A 279 19.44 21.15 -5.59
CA SER A 279 18.61 20.04 -5.11
C SER A 279 19.29 18.69 -5.24
N THR A 280 20.22 18.58 -6.17
CA THR A 280 20.90 17.30 -6.41
C THR A 280 21.83 16.91 -5.26
N GLN A 281 22.09 17.83 -4.35
CA GLN A 281 23.00 17.60 -3.24
C GLN A 281 22.24 17.10 -2.01
N LYS A 282 20.91 16.99 -2.14
CA LYS A 282 20.02 16.63 -1.05
C LYS A 282 19.26 15.34 -1.41
N ARG A 283 19.12 14.44 -0.45
CA ARG A 283 18.46 13.15 -0.71
C ARG A 283 16.94 13.24 -0.70
N GLY A 284 16.31 12.43 -1.54
CA GLY A 284 14.86 12.19 -1.47
C GLY A 284 13.98 13.11 -2.29
N ALA A 285 12.69 12.88 -2.16
CA ALA A 285 11.68 13.61 -2.95
C ALA A 285 11.54 15.09 -2.58
N TRP A 286 11.99 15.48 -1.39
CA TRP A 286 11.96 16.89 -0.98
C TRP A 286 13.38 17.40 -0.90
N SER A 287 13.92 17.75 -2.05
CA SER A 287 15.31 18.07 -2.15
C SER A 287 15.56 19.57 -2.41
N THR A 288 14.49 20.36 -2.50
CA THR A 288 14.63 21.79 -2.77
C THR A 288 15.51 22.41 -1.68
N PRO A 289 16.55 23.16 -2.07
CA PRO A 289 17.34 23.88 -1.07
C PRO A 289 16.54 24.98 -0.40
N ARG A 290 16.97 25.36 0.79
CA ARG A 290 16.31 26.42 1.53
C ARG A 290 16.72 27.79 0.99
N LYS A 291 15.80 28.74 1.11
CA LYS A 291 16.04 30.13 0.81
C LYS A 291 17.39 30.60 1.36
N ASP A 292 17.68 30.27 2.62
CA ASP A 292 18.91 30.74 3.26
C ASP A 292 20.17 30.25 2.55
N GLU A 293 20.15 29.00 2.09
CA GLU A 293 21.26 28.48 1.28
C GLU A 293 21.35 29.16 -0.07
N LEU A 294 20.20 29.42 -0.69
CA LEU A 294 20.15 30.01 -2.02
C LEU A 294 20.61 31.46 -2.03
N LEU A 295 20.36 32.16 -0.93
CA LEU A 295 20.73 33.57 -0.82
C LEU A 295 22.25 33.80 -0.96
N LYS A 296 23.04 32.76 -0.79
CA LYS A 296 24.50 32.81 -0.97
C LYS A 296 24.92 32.96 -2.44
N TYR A 297 23.95 32.81 -3.34
CA TYR A 297 24.16 32.87 -4.79
C TYR A 297 23.41 34.03 -5.40
N LYS A 298 24.02 34.69 -6.38
CA LYS A 298 23.41 35.89 -6.96
C LYS A 298 22.21 35.55 -7.86
N GLU A 299 22.23 34.38 -8.49
CA GLU A 299 21.13 33.92 -9.34
C GLU A 299 19.82 33.75 -8.54
N ALA A 300 19.96 33.53 -7.24
CA ALA A 300 18.83 33.36 -6.36
C ALA A 300 18.42 34.68 -5.74
N ARG A 301 19.41 35.53 -5.47
CA ARG A 301 19.14 36.85 -4.90
C ARG A 301 18.28 37.72 -5.82
N GLU A 302 18.42 37.55 -7.12
CA GLU A 302 17.56 38.22 -8.08
C GLU A 302 16.08 37.98 -7.79
N VAL A 303 15.73 36.72 -7.53
CA VAL A 303 14.34 36.30 -7.32
C VAL A 303 13.93 36.43 -5.86
N LEU A 304 14.77 35.96 -4.95
CA LEU A 304 14.35 35.84 -3.56
C LEU A 304 14.62 37.09 -2.74
N ALA A 305 15.67 37.84 -3.08
CA ALA A 305 16.06 39.02 -2.30
C ALA A 305 15.87 40.32 -3.07
N LEU B 3 -5.01 -33.91 1.41
CA LEU B 3 -4.78 -32.48 1.00
C LEU B 3 -5.58 -31.49 1.85
N ILE B 4 -4.89 -30.43 2.26
CA ILE B 4 -5.51 -29.36 3.03
C ILE B 4 -5.53 -28.11 2.16
N ALA B 5 -6.71 -27.53 1.98
CA ALA B 5 -6.79 -26.26 1.26
C ALA B 5 -7.04 -25.15 2.26
N SER B 6 -6.42 -24.01 2.02
CA SER B 6 -6.70 -22.81 2.79
C SER B 6 -7.30 -21.79 1.83
N ILE B 7 -8.28 -21.05 2.31
CA ILE B 7 -8.89 -20.04 1.47
C ILE B 7 -8.98 -18.72 2.22
N GLY B 8 -8.48 -17.67 1.60
CA GLY B 8 -8.59 -16.37 2.23
C GLY B 8 -7.43 -15.48 1.85
N GLU B 9 -7.09 -14.60 2.78
CA GLU B 9 -6.15 -13.52 2.50
C GLU B 9 -4.75 -14.00 2.21
N LEU B 10 -4.20 -13.46 1.12
CA LEU B 10 -2.79 -13.65 0.78
C LEU B 10 -2.27 -12.25 0.46
N LEU B 11 -1.22 -11.86 1.15
CA LEU B 11 -0.89 -10.46 1.14
C LEU B 11 0.57 -10.25 1.48
N ILE B 12 1.04 -9.03 1.24
CA ILE B 12 2.38 -8.63 1.68
C ILE B 12 2.31 -8.03 3.07
N ASP B 13 3.07 -8.61 3.98
CA ASP B 13 3.28 -7.99 5.30
C ASP B 13 4.47 -7.07 5.15
N LEU B 14 4.24 -5.78 5.35
CA LEU B 14 5.33 -4.81 5.45
C LEU B 14 5.59 -4.63 6.92
N ILE B 15 6.60 -5.35 7.38
CA ILE B 15 6.83 -5.41 8.79
C ILE B 15 7.82 -4.33 9.21
N SER B 16 7.39 -3.51 10.17
CA SER B 16 8.20 -2.46 10.75
C SER B 16 9.48 -3.05 11.31
N VAL B 17 10.62 -2.53 10.84
CA VAL B 17 11.92 -2.97 11.33
C VAL B 17 12.17 -2.41 12.71
N GLU B 18 11.79 -1.15 12.89
CA GLU B 18 11.97 -0.53 14.18
C GLU B 18 10.69 -0.52 14.99
N GLU B 19 10.84 -0.18 16.24
CA GLU B 19 9.69 -0.04 17.11
C GLU B 19 9.09 1.33 16.88
N GLY B 20 7.85 1.51 17.31
CA GLY B 20 7.17 2.81 17.24
C GLY B 20 5.81 2.70 16.58
N ASP B 21 5.01 3.77 16.67
CA ASP B 21 3.73 3.81 15.96
C ASP B 21 4.04 3.75 14.48
N LEU B 22 3.17 3.12 13.73
CA LEU B 22 3.29 3.09 12.28
C LEU B 22 3.51 4.46 11.68
N LYS B 23 2.90 5.49 12.28
CA LYS B 23 3.11 6.85 11.83
C LYS B 23 4.61 7.16 11.73
N ASP B 24 5.38 6.65 12.69
CA ASP B 24 6.78 7.05 12.84
C ASP B 24 7.78 6.06 12.26
N VAL B 25 7.33 4.83 12.02
CA VAL B 25 8.20 3.77 11.49
C VAL B 25 8.73 4.15 10.10
N ARG B 26 10.04 4.11 9.94
CA ARG B 26 10.74 4.61 8.76
C ARG B 26 11.13 3.50 7.80
N LEU B 27 11.20 2.27 8.31
CA LEU B 27 11.69 1.13 7.54
C LEU B 27 10.81 -0.09 7.70
N PHE B 28 10.38 -0.65 6.56
CA PHE B 28 9.58 -1.85 6.51
C PHE B 28 10.27 -2.97 5.75
N GLU B 29 10.15 -4.19 6.26
CA GLU B 29 10.64 -5.35 5.55
C GLU B 29 9.46 -6.12 4.98
N LYS B 30 9.56 -6.42 3.69
CA LYS B 30 8.53 -7.16 2.98
C LYS B 30 8.61 -8.68 3.22
N HIS B 31 7.47 -9.24 3.59
CA HIS B 31 7.33 -10.67 3.84
C HIS B 31 5.98 -11.14 3.31
N PRO B 32 5.92 -12.41 2.86
CA PRO B 32 4.61 -12.94 2.54
C PRO B 32 3.81 -13.14 3.82
N GLY B 33 2.51 -12.91 3.74
CA GLY B 33 1.62 -12.99 4.90
C GLY B 33 0.20 -13.37 4.57
N GLY B 34 -0.66 -13.32 5.59
CA GLY B 34 -2.05 -13.72 5.46
C GLY B 34 -2.18 -15.07 6.13
N ALA B 35 -2.96 -15.14 7.20
CA ALA B 35 -3.07 -16.38 8.00
C ALA B 35 -3.25 -17.67 7.17
N PRO B 36 -4.19 -17.68 6.19
CA PRO B 36 -4.38 -18.93 5.43
C PRO B 36 -3.14 -19.33 4.64
N ALA B 37 -2.42 -18.33 4.13
CA ALA B 37 -1.16 -18.56 3.43
C ALA B 37 -0.13 -19.15 4.38
N ASN B 38 -0.03 -18.56 5.57
CA ASN B 38 0.91 -19.01 6.60
C ASN B 38 0.61 -20.46 7.01
N VAL B 39 -0.67 -20.77 7.10
CA VAL B 39 -1.09 -22.12 7.46
C VAL B 39 -0.76 -23.05 6.31
N ALA B 40 -1.09 -22.63 5.10
CA ALA B 40 -0.83 -23.43 3.89
C ALA B 40 0.66 -23.80 3.78
N VAL B 41 1.53 -22.83 4.05
CA VAL B 41 2.97 -23.08 4.05
C VAL B 41 3.32 -24.06 5.16
N GLY B 42 2.76 -23.84 6.34
CA GLY B 42 2.99 -24.69 7.51
C GLY B 42 2.61 -26.13 7.25
N VAL B 43 1.42 -26.32 6.69
CA VAL B 43 0.93 -27.64 6.26
C VAL B 43 1.92 -28.31 5.29
N SER B 44 2.41 -27.54 4.33
CA SER B 44 3.40 -28.05 3.36
C SER B 44 4.72 -28.42 4.03
N ARG B 45 5.21 -27.56 4.91
CA ARG B 45 6.46 -27.86 5.62
C ARG B 45 6.33 -29.10 6.51
N LEU B 46 5.12 -29.35 7.02
CA LEU B 46 4.84 -30.59 7.76
C LEU B 46 4.66 -31.81 6.85
N GLY B 47 4.85 -31.62 5.54
CA GLY B 47 4.88 -32.70 4.55
C GLY B 47 3.51 -33.14 4.04
N VAL B 48 2.52 -32.27 4.16
CA VAL B 48 1.20 -32.53 3.60
C VAL B 48 0.97 -31.60 2.40
N LYS B 49 0.38 -32.14 1.33
CA LYS B 49 0.09 -31.35 0.14
C LYS B 49 -0.90 -30.25 0.52
N SER B 50 -0.54 -29.02 0.20
CA SER B 50 -1.28 -27.87 0.69
C SER B 50 -1.65 -27.00 -0.49
N SER B 51 -2.85 -26.44 -0.43
CA SER B 51 -3.36 -25.57 -1.47
C SER B 51 -3.82 -24.26 -0.85
N LEU B 52 -3.70 -23.18 -1.61
CA LEU B 52 -4.21 -21.88 -1.19
C LEU B 52 -5.10 -21.31 -2.27
N ILE B 53 -6.33 -20.96 -1.88
CA ILE B 53 -7.21 -20.25 -2.75
C ILE B 53 -7.20 -18.79 -2.30
N SER B 54 -6.79 -17.93 -3.21
CA SER B 54 -6.75 -16.50 -2.92
C SER B 54 -6.71 -15.70 -4.21
N LYS B 55 -6.52 -14.40 -4.06
CA LYS B 55 -6.43 -13.50 -5.18
C LYS B 55 -5.36 -12.48 -4.89
N VAL B 56 -4.47 -12.33 -5.85
CA VAL B 56 -3.44 -11.30 -5.78
C VAL B 56 -3.62 -10.34 -6.97
N GLY B 57 -2.85 -9.26 -6.96
CA GLY B 57 -2.87 -8.34 -8.07
C GLY B 57 -1.97 -8.90 -9.15
N ASN B 58 -2.27 -8.51 -10.38
CA ASN B 58 -1.32 -8.64 -11.46
C ASN B 58 -0.24 -7.58 -11.25
N ASP B 59 0.65 -7.83 -10.30
CA ASP B 59 1.68 -6.87 -9.97
C ASP B 59 2.86 -7.60 -9.37
N PRO B 60 4.02 -6.92 -9.24
CA PRO B 60 5.21 -7.56 -8.71
C PRO B 60 4.99 -8.19 -7.33
N PHE B 61 4.09 -7.64 -6.54
CA PHE B 61 3.80 -8.19 -5.21
C PHE B 61 3.02 -9.50 -5.28
N GLY B 62 2.10 -9.57 -6.24
CA GLY B 62 1.38 -10.82 -6.53
C GLY B 62 2.34 -11.90 -6.98
N GLU B 63 3.24 -11.55 -7.90
CA GLU B 63 4.27 -12.46 -8.41
C GLU B 63 5.15 -12.95 -7.27
N TYR B 64 5.57 -12.03 -6.42
CA TYR B 64 6.36 -12.38 -5.26
C TYR B 64 5.68 -13.41 -4.37
N LEU B 65 4.43 -13.12 -4.00
CA LEU B 65 3.68 -14.04 -3.13
C LEU B 65 3.55 -15.44 -3.76
N ILE B 66 3.17 -15.49 -5.04
CA ILE B 66 3.10 -16.76 -5.74
C ILE B 66 4.47 -17.47 -5.77
N GLU B 67 5.56 -16.72 -6.03
CA GLU B 67 6.89 -17.33 -6.02
C GLU B 67 7.24 -17.90 -4.65
N GLU B 68 6.92 -17.16 -3.61
CA GLU B 68 7.27 -17.55 -2.24
C GLU B 68 6.52 -18.82 -1.82
N LEU B 69 5.27 -18.90 -2.22
CA LEU B 69 4.43 -20.06 -1.96
C LEU B 69 4.90 -21.30 -2.74
N SER B 70 5.20 -21.11 -4.02
CA SER B 70 5.74 -22.17 -4.84
C SER B 70 7.04 -22.75 -4.28
N LYS B 71 7.92 -21.89 -3.78
CA LYS B 71 9.16 -22.34 -3.16
C LYS B 71 8.87 -23.23 -1.96
N GLU B 72 7.75 -22.96 -1.28
CA GLU B 72 7.31 -23.77 -0.14
C GLU B 72 6.49 -24.99 -0.53
N ASN B 73 6.37 -25.22 -1.85
CA ASN B 73 5.64 -26.35 -2.42
C ASN B 73 4.14 -26.30 -2.16
N VAL B 74 3.62 -25.08 -1.94
CA VAL B 74 2.19 -24.87 -1.83
C VAL B 74 1.67 -24.78 -3.26
N ASP B 75 0.59 -25.50 -3.53
CA ASP B 75 -0.10 -25.45 -4.80
C ASP B 75 -0.71 -24.06 -4.95
N THR B 76 -0.33 -23.38 -6.02
CA THR B 76 -0.75 -21.99 -6.25
C THR B 76 -1.76 -21.84 -7.38
N ARG B 77 -2.21 -22.95 -7.94
CA ARG B 77 -3.15 -22.89 -9.06
C ARG B 77 -4.45 -22.19 -8.69
N GLY B 78 -4.83 -22.26 -7.41
CA GLY B 78 -6.01 -21.55 -6.93
C GLY B 78 -5.82 -20.07 -6.61
N ILE B 79 -4.61 -19.55 -6.86
CA ILE B 79 -4.37 -18.13 -6.70
C ILE B 79 -4.58 -17.41 -8.04
N VAL B 80 -5.57 -16.54 -8.05
CA VAL B 80 -6.00 -15.83 -9.24
C VAL B 80 -5.37 -14.45 -9.20
N LYS B 81 -5.11 -13.88 -10.37
CA LYS B 81 -4.66 -12.51 -10.46
C LYS B 81 -5.83 -11.59 -10.78
N ASP B 82 -6.00 -10.57 -9.95
CA ASP B 82 -6.97 -9.53 -10.17
C ASP B 82 -6.38 -8.45 -11.07
N GLU B 83 -7.06 -8.17 -12.18
CA GLU B 83 -6.61 -7.13 -13.10
C GLU B 83 -6.98 -5.70 -12.69
N LYS B 84 -7.87 -5.61 -11.71
CA LYS B 84 -8.46 -4.34 -11.27
C LYS B 84 -8.00 -3.95 -9.84
N LYS B 85 -7.55 -4.94 -9.08
CA LYS B 85 -7.17 -4.69 -7.70
C LYS B 85 -5.71 -5.12 -7.50
N HIS B 86 -5.01 -4.38 -6.66
CA HIS B 86 -3.63 -4.68 -6.34
C HIS B 86 -3.53 -5.65 -5.19
N THR B 87 -2.37 -6.29 -5.11
CA THR B 87 -2.06 -7.28 -4.12
C THR B 87 -2.27 -6.70 -2.72
N GLY B 88 -2.88 -7.51 -1.86
CA GLY B 88 -3.09 -7.14 -0.47
C GLY B 88 -1.80 -6.69 0.18
N ILE B 89 -1.89 -5.63 0.97
CA ILE B 89 -0.78 -5.17 1.76
C ILE B 89 -1.29 -4.84 3.16
N VAL B 90 -0.44 -5.09 4.13
CA VAL B 90 -0.66 -4.64 5.47
C VAL B 90 0.66 -4.18 6.06
N PHE B 91 0.63 -3.03 6.70
CA PHE B 91 1.80 -2.50 7.40
C PHE B 91 1.65 -2.91 8.84
N VAL B 92 2.66 -3.60 9.33
CA VAL B 92 2.59 -4.29 10.60
C VAL B 92 3.62 -3.73 11.57
N GLN B 93 3.16 -3.38 12.77
CA GLN B 93 4.07 -3.13 13.86
C GLN B 93 3.87 -4.21 14.90
N LEU B 94 4.80 -5.15 14.95
CA LEU B 94 4.70 -6.29 15.85
C LEU B 94 5.27 -5.98 17.23
N LYS B 95 6.10 -4.94 17.30
CA LYS B 95 6.80 -4.62 18.53
C LYS B 95 5.99 -3.71 19.42
N GLY B 96 6.30 -3.74 20.72
CA GLY B 96 5.69 -2.86 21.68
C GLY B 96 4.60 -3.53 22.50
N ALA B 97 4.11 -2.80 23.50
CA ALA B 97 3.03 -3.26 24.37
C ALA B 97 1.73 -3.40 23.57
N SER B 98 1.62 -2.63 22.48
CA SER B 98 0.41 -2.57 21.69
C SER B 98 0.68 -2.70 20.18
N PRO B 99 0.92 -3.94 19.69
CA PRO B 99 1.16 -4.12 18.26
C PRO B 99 -0.01 -3.65 17.40
N SER B 100 0.29 -3.12 16.23
CA SER B 100 -0.73 -2.49 15.41
C SER B 100 -0.53 -2.83 13.94
N PHE B 101 -1.53 -2.53 13.15
CA PHE B 101 -1.44 -2.80 11.73
C PHE B 101 -2.24 -1.77 10.99
N LEU B 102 -1.90 -1.61 9.72
CA LEU B 102 -2.68 -0.76 8.84
C LEU B 102 -2.90 -1.64 7.63
N LEU B 103 -4.11 -2.17 7.52
CA LEU B 103 -4.44 -3.09 6.46
C LEU B 103 -5.20 -2.36 5.37
N TYR B 104 -4.75 -2.53 4.14
CA TYR B 104 -5.36 -1.90 2.97
C TYR B 104 -6.43 -2.84 2.48
N ASP B 105 -7.67 -2.41 2.59
CA ASP B 105 -8.79 -3.31 2.39
C ASP B 105 -9.24 -3.35 0.94
N ASP B 106 -8.93 -2.31 0.16
CA ASP B 106 -9.41 -2.34 -1.25
C ASP B 106 -8.36 -3.00 -2.12
N VAL B 107 -8.30 -4.31 -2.00
CA VAL B 107 -7.19 -5.11 -2.50
C VAL B 107 -7.75 -6.42 -3.02
N ALA B 108 -6.90 -7.15 -3.72
CA ALA B 108 -7.32 -8.27 -4.56
C ALA B 108 -7.98 -9.42 -3.79
N TYR B 109 -7.45 -9.76 -2.63
CA TYR B 109 -7.96 -10.90 -1.90
C TYR B 109 -9.39 -10.68 -1.38
N PHE B 110 -9.79 -9.41 -1.24
CA PHE B 110 -11.15 -9.08 -0.81
C PHE B 110 -12.12 -9.02 -2.00
N ASN B 111 -11.59 -9.24 -3.19
CA ASN B 111 -12.35 -9.15 -4.44
C ASN B 111 -12.59 -10.50 -5.13
N THR B 113 -14.62 -13.57 -6.42
CA THR B 113 -15.93 -13.98 -6.90
C THR B 113 -15.96 -15.50 -7.05
N LEU B 114 -17.14 -16.07 -7.31
CA LEU B 114 -17.19 -17.49 -7.52
C LEU B 114 -16.45 -17.92 -8.79
N ASN B 115 -16.32 -17.01 -9.75
CA ASN B 115 -15.54 -17.23 -10.97
C ASN B 115 -14.06 -17.47 -10.68
N ASP B 116 -13.63 -17.06 -9.49
CA ASP B 116 -12.21 -17.12 -9.10
C ASP B 116 -11.84 -18.42 -8.41
N ILE B 117 -12.84 -19.22 -8.06
CA ILE B 117 -12.62 -20.43 -7.27
C ILE B 117 -12.22 -21.59 -8.15
N ASN B 118 -11.06 -22.16 -7.84
CA ASN B 118 -10.62 -23.41 -8.46
C ASN B 118 -11.35 -24.56 -7.78
N TRP B 119 -12.32 -25.13 -8.49
CA TRP B 119 -13.16 -26.16 -7.89
C TRP B 119 -12.46 -27.50 -7.76
N ASP B 120 -11.51 -27.79 -8.63
CA ASP B 120 -10.69 -28.99 -8.47
C ASP B 120 -10.03 -29.05 -7.10
N ILE B 121 -9.43 -27.92 -6.71
CA ILE B 121 -8.79 -27.79 -5.40
C ILE B 121 -9.74 -27.94 -4.23
N VAL B 122 -10.87 -27.22 -4.25
CA VAL B 122 -11.83 -27.32 -3.13
C VAL B 122 -12.35 -28.75 -2.97
N GLU B 123 -12.55 -29.44 -4.09
CA GLU B 123 -13.14 -30.78 -4.11
C GLU B 123 -12.13 -31.84 -3.73
N GLU B 124 -10.85 -31.57 -3.98
CA GLU B 124 -9.77 -32.46 -3.62
C GLU B 124 -9.43 -32.38 -2.11
N ALA B 125 -9.83 -31.29 -1.46
CA ALA B 125 -9.44 -31.06 -0.07
C ALA B 125 -10.19 -31.92 0.94
N LYS B 126 -9.44 -32.49 1.87
CA LYS B 126 -9.99 -33.25 2.97
C LYS B 126 -10.31 -32.29 4.11
N ILE B 127 -9.52 -31.23 4.19
CA ILE B 127 -9.74 -30.16 5.14
C ILE B 127 -9.67 -28.84 4.39
N VAL B 128 -10.66 -27.99 4.61
CA VAL B 128 -10.62 -26.62 4.11
C VAL B 128 -10.53 -25.67 5.30
N ASN B 129 -9.53 -24.80 5.25
CA ASN B 129 -9.21 -23.87 6.31
C ASN B 129 -9.51 -22.45 5.83
N PHE B 130 -10.24 -21.71 6.66
CA PHE B 130 -10.51 -20.30 6.43
C PHE B 130 -10.53 -19.54 7.76
N GLY B 131 -10.46 -18.22 7.70
CA GLY B 131 -10.41 -17.39 8.90
C GLY B 131 -11.32 -16.21 8.70
N SER B 132 -11.48 -15.41 9.74
CA SER B 132 -12.44 -14.33 9.69
C SER B 132 -12.00 -13.14 8.85
N VAL B 133 -10.69 -12.97 8.67
CA VAL B 133 -10.18 -11.77 7.99
C VAL B 133 -10.75 -11.64 6.60
N ILE B 134 -10.82 -12.77 5.89
CA ILE B 134 -11.29 -12.76 4.51
C ILE B 134 -12.77 -12.33 4.40
N LEU B 135 -13.50 -12.50 5.50
CA LEU B 135 -14.94 -12.28 5.51
C LEU B 135 -15.25 -10.82 5.76
N ALA B 136 -14.22 -10.05 6.10
CA ALA B 136 -14.38 -8.62 6.40
C ALA B 136 -14.98 -7.80 5.26
N ARG B 137 -14.81 -8.28 4.03
CA ARG B 137 -15.34 -7.56 2.87
C ARG B 137 -15.95 -8.48 1.84
N ASN B 138 -16.94 -7.93 1.14
CA ASN B 138 -17.49 -8.54 -0.05
C ASN B 138 -16.73 -8.03 -1.27
N PRO B 139 -16.70 -8.81 -2.37
CA PRO B 139 -17.40 -10.09 -2.58
C PRO B 139 -16.76 -11.33 -1.94
N SER B 140 -15.55 -11.21 -1.40
CA SER B 140 -14.86 -12.36 -0.83
C SER B 140 -15.65 -13.01 0.30
N ARG B 141 -16.30 -12.22 1.15
CA ARG B 141 -17.13 -12.80 2.20
C ARG B 141 -18.15 -13.79 1.62
N GLU B 142 -18.96 -13.31 0.68
CA GLU B 142 -20.01 -14.11 0.05
C GLU B 142 -19.41 -15.33 -0.59
N THR B 143 -18.37 -15.09 -1.39
CA THR B 143 -17.71 -16.13 -2.15
C THR B 143 -17.20 -17.22 -1.22
N VAL B 144 -16.49 -16.83 -0.17
CA VAL B 144 -15.94 -17.80 0.76
C VAL B 144 -17.04 -18.57 1.47
N LYS B 146 -20.03 -19.24 0.54
CA LYS B 146 -20.69 -20.17 -0.40
C LYS B 146 -19.82 -21.39 -0.64
N VAL B 147 -18.51 -21.17 -0.76
CA VAL B 147 -17.55 -22.28 -0.89
C VAL B 147 -17.61 -23.20 0.35
N ILE B 148 -17.60 -22.61 1.54
CA ILE B 148 -17.60 -23.40 2.78
C ILE B 148 -18.92 -24.15 2.95
N LYS B 149 -20.02 -23.44 2.70
CA LYS B 149 -21.35 -24.06 2.77
C LYS B 149 -21.44 -25.26 1.86
N LYS B 150 -20.98 -25.07 0.62
CA LYS B 150 -20.93 -26.15 -0.37
C LYS B 150 -20.15 -27.39 0.09
N ILE B 151 -18.91 -27.20 0.50
CA ILE B 151 -18.04 -28.34 0.82
C ILE B 151 -18.33 -28.93 2.21
N LYS B 152 -19.17 -28.24 2.97
CA LYS B 152 -19.69 -28.72 4.25
C LYS B 152 -20.20 -30.17 4.16
N GLY B 153 -19.50 -31.09 4.83
CA GLY B 153 -19.92 -32.49 4.86
C GLY B 153 -19.06 -33.36 3.96
N SER B 154 -18.44 -32.70 2.97
CA SER B 154 -17.57 -33.37 2.03
CA SER B 154 -17.56 -33.36 2.02
C SER B 154 -16.09 -33.17 2.39
N SER B 155 -15.80 -32.09 3.12
CA SER B 155 -14.48 -31.82 3.68
C SER B 155 -14.68 -31.37 5.10
N LEU B 156 -13.70 -31.64 5.94
CA LEU B 156 -13.68 -31.01 7.24
C LEU B 156 -13.45 -29.53 7.02
N ILE B 157 -14.11 -28.71 7.84
CA ILE B 157 -13.95 -27.26 7.75
C ILE B 157 -13.27 -26.73 9.00
N ALA B 158 -12.23 -25.94 8.78
CA ALA B 158 -11.50 -25.35 9.91
C ALA B 158 -11.58 -23.85 9.80
N PHE B 159 -11.86 -23.23 10.94
CA PHE B 159 -12.07 -21.79 11.04
C PHE B 159 -11.24 -21.23 12.19
N ASP B 160 -10.33 -20.31 11.86
CA ASP B 160 -9.62 -19.54 12.86
C ASP B 160 -10.38 -18.24 13.01
N VAL B 161 -10.90 -18.00 14.22
CA VAL B 161 -11.69 -16.81 14.49
C VAL B 161 -10.89 -15.56 14.13
N ASN B 162 -9.61 -15.56 14.51
CA ASN B 162 -8.66 -14.53 14.10
C ASN B 162 -9.33 -13.17 13.96
N LEU B 163 -9.89 -12.72 15.07
CA LEU B 163 -10.77 -11.57 15.07
C LEU B 163 -9.94 -10.28 15.08
N ARG B 164 -10.23 -9.42 14.11
CA ARG B 164 -9.59 -8.11 14.01
C ARG B 164 -10.71 -7.10 13.91
N LEU B 165 -11.14 -6.58 15.06
CA LEU B 165 -12.27 -5.66 15.12
C LEU B 165 -12.20 -4.47 14.17
N ASP B 166 -10.98 -3.93 13.98
CA ASP B 166 -10.71 -2.83 13.02
C ASP B 166 -11.27 -3.09 11.64
N LEU B 167 -11.31 -4.38 11.26
CA LEU B 167 -11.76 -4.77 9.93
C LEU B 167 -13.28 -4.77 9.79
N TRP B 168 -13.94 -4.50 10.90
CA TRP B 168 -15.40 -4.60 10.96
C TRP B 168 -16.07 -3.30 11.42
N ARG B 169 -15.30 -2.22 11.48
CA ARG B 169 -15.89 -0.94 11.91
C ARG B 169 -17.06 -0.55 11.02
N GLY B 170 -18.14 -0.12 11.65
CA GLY B 170 -19.35 0.28 10.96
C GLY B 170 -20.18 -0.89 10.46
N GLN B 171 -19.72 -2.11 10.74
CA GLN B 171 -20.43 -3.33 10.33
C GLN B 171 -20.34 -4.45 11.37
N GLU B 172 -20.31 -4.08 12.64
CA GLU B 172 -20.14 -5.06 13.71
C GLU B 172 -21.35 -5.99 13.88
N GLU B 173 -22.53 -5.53 13.49
CA GLU B 173 -23.70 -6.42 13.45
C GLU B 173 -23.47 -7.58 12.50
N GLU B 174 -23.05 -7.24 11.28
CA GLU B 174 -22.70 -8.21 10.25
C GLU B 174 -21.56 -9.12 10.73
N ILE B 176 -20.77 -10.21 13.73
CA ILE B 176 -21.29 -11.24 14.62
C ILE B 176 -22.06 -12.29 13.84
N LYS B 177 -22.90 -11.86 12.92
CA LYS B 177 -23.65 -12.78 12.05
C LYS B 177 -22.74 -13.72 11.26
N VAL B 178 -21.70 -13.17 10.63
CA VAL B 178 -20.81 -14.00 9.81
C VAL B 178 -19.91 -14.92 10.65
N LEU B 179 -19.46 -14.44 11.81
CA LEU B 179 -18.63 -15.26 12.69
C LEU B 179 -19.45 -16.42 13.21
N GLU B 180 -20.68 -16.12 13.60
CA GLU B 180 -21.56 -17.16 14.10
C GLU B 180 -21.82 -18.19 13.00
N GLU B 181 -22.20 -17.72 11.82
CA GLU B 181 -22.46 -18.62 10.71
C GLU B 181 -21.22 -19.46 10.37
N SER B 182 -20.06 -18.83 10.37
CA SER B 182 -18.80 -19.51 10.05
C SER B 182 -18.45 -20.54 11.11
N ILE B 183 -18.62 -20.17 12.38
CA ILE B 183 -18.34 -21.09 13.48
C ILE B 183 -19.26 -22.30 13.36
N LYS B 184 -20.53 -22.06 13.04
CA LYS B 184 -21.52 -23.15 12.92
C LYS B 184 -21.18 -24.12 11.79
N LEU B 185 -20.53 -23.60 10.75
CA LEU B 185 -20.09 -24.40 9.62
C LEU B 185 -18.84 -25.23 9.90
N ALA B 186 -18.12 -24.88 10.97
CA ALA B 186 -16.76 -25.38 11.21
C ALA B 186 -16.72 -26.64 12.06
N ASP B 187 -15.96 -27.61 11.57
CA ASP B 187 -15.64 -28.81 12.33
C ASP B 187 -14.59 -28.52 13.38
N ILE B 188 -13.64 -27.67 12.99
CA ILE B 188 -12.51 -27.31 13.84
C ILE B 188 -12.50 -25.79 13.96
N VAL B 189 -12.57 -25.30 15.19
CA VAL B 189 -12.46 -23.88 15.44
C VAL B 189 -11.22 -23.61 16.28
N LYS B 190 -10.45 -22.64 15.82
CA LYS B 190 -9.35 -22.09 16.60
C LYS B 190 -9.71 -20.68 17.04
N ALA B 191 -9.52 -20.41 18.31
CA ALA B 191 -9.82 -19.11 18.88
C ALA B 191 -8.95 -18.86 20.10
N SER B 192 -8.61 -17.61 20.35
CA SER B 192 -7.95 -17.24 21.58
C SER B 192 -9.05 -17.14 22.64
N GLU B 193 -8.69 -17.26 23.91
CA GLU B 193 -9.73 -17.18 24.94
C GLU B 193 -10.36 -15.79 25.03
N GLU B 194 -9.60 -14.77 24.60
CA GLU B 194 -10.14 -13.41 24.43
C GLU B 194 -11.31 -13.41 23.45
N GLU B 195 -11.09 -14.03 22.29
CA GLU B 195 -12.11 -14.17 21.27
C GLU B 195 -13.32 -14.96 21.75
N VAL B 196 -13.06 -16.09 22.42
CA VAL B 196 -14.09 -16.92 23.02
C VAL B 196 -14.96 -16.09 23.96
N LEU B 197 -14.33 -15.38 24.89
CA LEU B 197 -15.04 -14.50 25.83
C LEU B 197 -15.85 -13.44 25.12
N TYR B 198 -15.20 -12.76 24.16
CA TYR B 198 -15.81 -11.64 23.46
C TYR B 198 -17.05 -12.10 22.72
N LEU B 199 -16.94 -13.23 22.01
CA LEU B 199 -18.02 -13.70 21.18
C LEU B 199 -19.15 -14.33 21.98
N GLU B 200 -18.79 -15.00 23.07
CA GLU B 200 -19.80 -15.62 23.93
C GLU B 200 -20.55 -14.53 24.71
N ASN B 201 -19.83 -13.48 25.12
CA ASN B 201 -20.45 -12.27 25.67
C ASN B 201 -21.39 -11.60 24.68
N GLN B 202 -21.33 -12.04 23.42
CA GLN B 202 -22.21 -11.55 22.36
C GLN B 202 -23.21 -12.64 21.97
N GLY B 203 -23.26 -13.70 22.76
CA GLY B 203 -24.21 -14.80 22.52
C GLY B 203 -23.81 -15.77 21.42
N VAL B 204 -22.54 -15.73 21.02
CA VAL B 204 -22.05 -16.63 19.98
C VAL B 204 -21.17 -17.69 20.64
N GLU B 205 -21.57 -18.96 20.54
CA GLU B 205 -20.76 -20.03 21.12
C GLU B 205 -19.58 -20.37 20.19
N VAL B 206 -18.38 -20.37 20.77
CA VAL B 206 -17.18 -20.56 19.97
C VAL B 206 -16.69 -21.98 20.15
N LYS B 207 -17.17 -22.85 19.26
CA LYS B 207 -16.85 -24.28 19.26
C LYS B 207 -16.98 -24.83 17.86
N GLY B 208 -16.08 -25.74 17.53
CA GLY B 208 -16.21 -26.54 16.33
C GLY B 208 -17.13 -27.70 16.65
N SER B 209 -17.80 -28.21 15.63
CA SER B 209 -18.61 -29.42 15.79
C SER B 209 -17.75 -30.64 16.15
N LEU B 211 -13.96 -30.30 16.87
CA LEU B 211 -12.83 -29.95 17.75
C LEU B 211 -12.70 -28.45 17.93
N THR B 212 -12.31 -28.05 19.13
CA THR B 212 -12.04 -26.64 19.40
C THR B 212 -10.66 -26.50 20.00
N ALA B 213 -9.88 -25.59 19.43
CA ALA B 213 -8.57 -25.25 19.95
C ALA B 213 -8.61 -23.83 20.49
N ILE B 214 -8.43 -23.71 21.80
CA ILE B 214 -8.45 -22.41 22.42
C ILE B 214 -7.03 -22.04 22.80
N THR B 215 -6.53 -20.97 22.18
CA THR B 215 -5.18 -20.50 22.47
C THR B 215 -5.20 -19.61 23.71
N LEU B 216 -4.18 -19.78 24.55
CA LEU B 216 -4.12 -19.14 25.86
C LEU B 216 -2.88 -18.24 26.01
N GLY B 217 -2.29 -17.85 24.88
CA GLY B 217 -1.09 -17.01 24.87
C GLY B 217 0.12 -17.70 25.48
N PRO B 218 0.65 -17.14 26.60
CA PRO B 218 1.77 -17.72 27.33
C PRO B 218 1.42 -19.08 27.94
N LYS B 219 0.21 -19.18 28.50
CA LYS B 219 -0.28 -20.39 29.15
C LYS B 219 -0.50 -21.59 28.22
N GLY B 220 -0.13 -21.45 26.95
CA GLY B 220 -0.25 -22.54 25.98
C GLY B 220 -1.61 -22.56 25.29
N CYS B 221 -2.25 -23.72 25.30
CA CYS B 221 -3.57 -23.85 24.68
C CYS B 221 -4.38 -25.04 25.19
N ARG B 222 -5.61 -25.12 24.72
CA ARG B 222 -6.56 -26.12 25.18
C ARG B 222 -7.22 -26.74 23.97
N LEU B 223 -7.29 -28.06 23.95
CA LEU B 223 -8.06 -28.76 22.92
C LEU B 223 -9.29 -29.36 23.56
N ILE B 224 -10.45 -29.08 22.95
CA ILE B 224 -11.75 -29.56 23.40
C ILE B 224 -12.39 -30.39 22.31
N LYS B 225 -12.77 -31.60 22.68
CA LYS B 225 -13.45 -32.51 21.79
C LYS B 225 -14.63 -33.01 22.61
N ASN B 226 -15.81 -32.51 22.27
CA ASN B 226 -17.04 -32.77 23.05
C ASN B 226 -16.86 -32.27 24.48
N GLU B 227 -16.74 -33.19 25.44
CA GLU B 227 -16.45 -32.80 26.82
C GLU B 227 -15.07 -33.24 27.30
N THR B 228 -14.25 -33.69 26.37
CA THR B 228 -12.88 -34.03 26.68
C THR B 228 -11.96 -32.83 26.47
N VAL B 229 -11.29 -32.42 27.55
CA VAL B 229 -10.50 -31.19 27.55
C VAL B 229 -9.04 -31.51 27.84
N VAL B 230 -8.18 -31.14 26.89
CA VAL B 230 -6.76 -31.33 27.01
C VAL B 230 -6.08 -29.97 27.11
N ASP B 231 -5.48 -29.71 28.26
CA ASP B 231 -4.72 -28.48 28.46
C ASP B 231 -3.24 -28.77 28.22
N VAL B 232 -2.66 -27.98 27.34
CA VAL B 232 -1.25 -28.12 26.99
C VAL B 232 -0.50 -26.80 27.25
N PRO B 233 0.21 -26.72 28.40
CA PRO B 233 1.04 -25.56 28.70
C PRO B 233 2.17 -25.43 27.69
N SER B 234 2.50 -24.20 27.30
CA SER B 234 3.52 -23.95 26.28
C SER B 234 4.93 -24.18 26.79
N GLY B 244 3.18 -15.61 14.01
CA GLY B 244 3.53 -16.81 13.24
C GLY B 244 3.32 -18.17 13.91
N ALA B 245 3.48 -18.21 15.23
CA ALA B 245 3.24 -19.43 16.01
C ALA B 245 1.80 -19.93 15.95
N GLY B 246 0.82 -19.02 15.94
CA GLY B 246 -0.57 -19.41 15.90
C GLY B 246 -0.89 -20.15 14.60
N ASP B 247 -0.34 -19.67 13.50
CA ASP B 247 -0.59 -20.27 12.21
C ASP B 247 0.17 -21.60 12.08
N ALA B 248 1.34 -21.68 12.73
CA ALA B 248 2.13 -22.95 12.82
C ALA B 248 1.32 -23.98 13.58
N PHE B 249 0.72 -23.49 14.65
CA PHE B 249 -0.10 -24.29 15.53
C PHE B 249 -1.31 -24.84 14.79
N ALA B 251 -1.56 -25.18 11.47
CA ALA B 251 -1.05 -26.12 10.47
C ALA B 251 -0.84 -27.49 11.12
N ALA B 252 -0.24 -27.49 12.30
CA ALA B 252 0.01 -28.69 13.10
C ALA B 252 -1.27 -29.41 13.46
N LEU B 253 -2.28 -28.65 13.88
CA LEU B 253 -3.58 -29.22 14.22
C LEU B 253 -4.19 -29.90 13.02
N LEU B 254 -4.19 -29.23 11.88
CA LEU B 254 -4.87 -29.75 10.71
C LEU B 254 -4.16 -30.96 10.17
N VAL B 255 -2.84 -30.87 10.13
CA VAL B 255 -2.01 -32.02 9.73
C VAL B 255 -2.24 -33.19 10.69
N GLY B 256 -2.18 -32.94 11.99
CA GLY B 256 -2.51 -33.93 13.03
C GLY B 256 -3.88 -34.58 12.87
N ILE B 257 -4.89 -33.76 12.62
CA ILE B 257 -6.24 -34.24 12.38
C ILE B 257 -6.31 -35.17 11.17
N LEU B 258 -5.62 -34.78 10.11
CA LEU B 258 -5.57 -35.58 8.89
C LEU B 258 -4.82 -36.89 9.13
N LYS B 259 -3.75 -36.85 9.91
CA LYS B 259 -2.85 -37.98 10.12
C LYS B 259 -3.29 -38.97 11.21
N LEU B 260 -3.84 -38.44 12.30
CA LEU B 260 -4.19 -39.27 13.45
C LEU B 260 -5.53 -39.97 13.22
N LYS B 261 -5.45 -41.27 12.98
CA LYS B 261 -6.62 -42.10 12.62
C LYS B 261 -7.85 -41.80 13.48
N GLY B 262 -7.71 -41.93 14.79
CA GLY B 262 -8.83 -41.77 15.72
C GLY B 262 -8.80 -40.51 16.58
N LEU B 263 -8.16 -39.47 16.05
CA LEU B 263 -8.17 -38.14 16.69
C LEU B 263 -7.64 -38.14 18.12
N ASP B 264 -6.58 -38.90 18.33
CA ASP B 264 -5.93 -38.96 19.62
C ASP B 264 -5.55 -37.56 20.04
N LEU B 265 -6.34 -37.00 20.97
CA LEU B 265 -6.16 -35.63 21.46
C LEU B 265 -4.85 -35.40 22.15
N LEU B 266 -4.38 -36.39 22.91
CA LEU B 266 -3.11 -36.27 23.61
C LEU B 266 -1.97 -36.10 22.62
N LYS B 267 -1.95 -36.97 21.61
CA LYS B 267 -0.96 -36.92 20.55
C LYS B 267 -1.09 -35.61 19.76
N LEU B 268 -2.30 -35.26 19.36
CA LEU B 268 -2.57 -33.99 18.70
C LEU B 268 -1.98 -32.82 19.50
N GLY B 269 -2.38 -32.74 20.77
CA GLY B 269 -1.90 -31.70 21.68
C GLY B 269 -0.38 -31.61 21.73
N LYS B 270 0.25 -32.77 21.92
CA LYS B 270 1.69 -32.83 22.03
C LYS B 270 2.37 -32.41 20.74
N PHE B 271 1.82 -32.85 19.61
CA PHE B 271 2.34 -32.50 18.31
C PHE B 271 2.18 -31.00 18.00
N ALA B 272 0.97 -30.48 18.19
CA ALA B 272 0.69 -29.05 17.99
C ALA B 272 1.56 -28.16 18.87
N ASN B 273 1.74 -28.56 20.13
CA ASN B 273 2.58 -27.78 21.03
C ASN B 273 4.03 -27.75 20.57
N LEU B 274 4.52 -28.88 20.09
CA LEU B 274 5.89 -29.01 19.60
C LEU B 274 6.09 -28.11 18.41
N VAL B 275 5.19 -28.19 17.44
CA VAL B 275 5.30 -27.39 16.23
C VAL B 275 5.26 -25.90 16.60
N ALA B 276 4.30 -25.53 17.43
CA ALA B 276 4.20 -24.17 17.93
C ALA B 276 5.47 -23.70 18.67
N ALA B 277 6.01 -24.55 19.54
CA ALA B 277 7.23 -24.26 20.28
C ALA B 277 8.43 -24.07 19.35
N LEU B 278 8.60 -24.99 18.41
CA LEU B 278 9.69 -24.92 17.44
C LEU B 278 9.53 -23.79 16.42
N SER B 279 8.30 -23.31 16.21
CA SER B 279 8.09 -22.17 15.34
C SER B 279 8.72 -20.94 15.95
N THR B 280 8.61 -20.83 17.28
CA THR B 280 9.16 -19.71 18.01
C THR B 280 10.68 -19.86 18.12
N ALA B 285 6.08 -14.39 9.00
CA ALA B 285 4.90 -15.12 9.45
C ALA B 285 4.97 -16.63 9.14
N TRP B 286 5.92 -17.02 8.27
CA TRP B 286 6.11 -18.45 7.92
C TRP B 286 7.12 -19.12 8.82
N SER B 287 6.69 -19.46 10.03
CA SER B 287 7.61 -19.91 11.07
C SER B 287 7.52 -21.41 11.38
N THR B 288 6.66 -22.13 10.66
CA THR B 288 6.45 -23.55 10.92
C THR B 288 7.73 -24.36 10.64
N PRO B 289 8.17 -25.17 11.61
CA PRO B 289 9.32 -26.05 11.37
C PRO B 289 9.05 -27.02 10.22
N ARG B 290 10.11 -27.39 9.52
CA ARG B 290 10.02 -28.40 8.47
C ARG B 290 9.92 -29.81 9.07
N LYS B 291 9.37 -30.74 8.30
CA LYS B 291 9.12 -32.09 8.75
C LYS B 291 10.35 -32.70 9.46
N ASP B 292 11.51 -32.66 8.81
CA ASP B 292 12.68 -33.33 9.40
C ASP B 292 13.38 -32.56 10.52
N GLU B 293 12.94 -31.33 10.79
CA GLU B 293 13.28 -30.66 12.06
C GLU B 293 12.54 -31.33 13.21
N LEU B 294 11.56 -32.16 12.86
CA LEU B 294 10.68 -32.77 13.84
C LEU B 294 10.89 -34.27 13.92
N LEU B 295 11.77 -34.80 13.09
CA LEU B 295 11.98 -36.24 13.11
C LEU B 295 12.63 -36.77 14.37
N LYS B 296 13.41 -35.92 15.04
CA LYS B 296 14.03 -36.28 16.31
C LYS B 296 13.05 -36.39 17.48
N TYR B 297 11.84 -35.85 17.29
CA TYR B 297 10.83 -35.81 18.33
C TYR B 297 9.79 -36.92 18.24
N LYS B 298 9.75 -37.74 19.28
CA LYS B 298 8.76 -38.79 19.40
C LYS B 298 7.35 -38.26 19.10
N GLU B 299 7.01 -37.11 19.70
CA GLU B 299 5.71 -36.44 19.53
C GLU B 299 5.35 -36.19 18.07
N ALA B 300 6.34 -35.83 17.26
CA ALA B 300 6.12 -35.63 15.83
C ALA B 300 6.02 -36.94 15.07
N ARG B 301 6.92 -37.88 15.34
CA ARG B 301 6.89 -39.18 14.66
C ARG B 301 5.56 -39.89 14.88
N GLU B 302 5.07 -39.80 16.12
CA GLU B 302 3.73 -40.29 16.49
C GLU B 302 2.67 -39.82 15.51
N VAL B 303 2.80 -38.57 15.06
CA VAL B 303 1.81 -38.00 14.16
C VAL B 303 2.21 -38.17 12.68
N LEU B 304 3.44 -37.77 12.37
CA LEU B 304 3.91 -37.67 10.99
C LEU B 304 4.24 -39.03 10.34
N ALA B 305 4.82 -39.93 11.13
CA ALA B 305 5.27 -41.24 10.64
C ALA B 305 4.30 -42.39 10.95
N GLU B 306 3.62 -42.33 12.09
CA GLU B 306 2.56 -43.28 12.43
C GLU B 306 1.21 -42.61 12.69
#